data_7N05
#
_entry.id   7N05
#
_cell.length_a   46.072
_cell.length_b   168.748
_cell.length_c   78.367
_cell.angle_alpha   90.000
_cell.angle_beta   90.000
_cell.angle_gamma   90.000
#
_symmetry.space_group_name_H-M   'P 21 21 2'
#
loop_
_entity.id
_entity.type
_entity.pdbx_description
1 polymer 'Fab F240 heavy chain'
2 polymer 'Fab F240 light chain'
3 polymer 'HIV-1 gp41 immunodominant region'
4 non-polymer GLYCEROL
5 non-polymer 'ACETATE ION'
6 water water
#
loop_
_entity_poly.entity_id
_entity_poly.type
_entity_poly.pdbx_seq_one_letter_code
_entity_poly.pdbx_strand_id
1 'polypeptide(L)'
;QVQLVQSGGGVVKPGASLRLACSASGFTFTDYYMSWIRQTPGKGLQWLAYITKDGSEKKYADSLQGRFAVSRDNANNLVF
LQLNTVEDDDTGVYYCARDDGYYDRSGYYGVFDLWGQGIRVTVSSASTKGPSVFPLAPSSKSTSGGTAALGCLVKDYFPE
PVTVSWNSGALTSGVHTFPAVLQSSGLYSLSSVVTVPSSSLGTQTYICNVNHKPSNTKVDKKVEPKSCGRLVPRGSHHHH
HHHHHH
;
H
2 'polypeptide(L)'
;EFLLTQSPDSLAVTLGETATITCRSSRNILHSLNNKNYLAWYQQRPGQAPKLLVIWASMRVSGVADRFSGSGSGTDFALT
ISSLQPEDAAVYYCQHYYTTHRTFGQGTRVEIRRTVAAPSVFIFPPSDEQLKSGTASVVCLLNNFYPREAKVQWKVDNAL
QSGNSQESVTEQDSKDSTYSLSSTLTLSKADYEKHKVYACEVTHQGLSSPVTKSFNRGEC
;
L
3 'polypeptide(L)' (ACE)WGSSGKLISTTAVPW E
#
loop_
_chem_comp.id
_chem_comp.type
_chem_comp.name
_chem_comp.formula
ACE non-polymer 'ACETYL GROUP' 'C2 H4 O'
ACT non-polymer 'ACETATE ION' 'C2 H3 O2 -1'
GOL non-polymer GLYCEROL 'C3 H8 O3'
#
# COMPACT_ATOMS: atom_id res chain seq x y z
N GLN A 1 -6.70 -24.69 -10.80
CA GLN A 1 -5.96 -23.79 -9.86
C GLN A 1 -6.95 -23.05 -8.94
N VAL A 2 -6.65 -23.06 -7.65
CA VAL A 2 -7.50 -22.46 -6.63
C VAL A 2 -7.26 -20.96 -6.65
N GLN A 3 -8.28 -20.18 -7.02
CA GLN A 3 -8.05 -18.74 -7.04
C GLN A 3 -9.34 -17.96 -7.13
N LEU A 4 -9.19 -16.66 -6.87
CA LEU A 4 -10.27 -15.68 -6.93
C LEU A 4 -9.75 -14.58 -7.82
N VAL A 5 -10.46 -14.31 -8.91
CA VAL A 5 -10.03 -13.30 -9.88
C VAL A 5 -11.04 -12.17 -9.83
N GLN A 6 -10.59 -10.98 -9.48
CA GLN A 6 -11.48 -9.84 -9.34
C GLN A 6 -11.54 -9.03 -10.62
N SER A 7 -12.65 -8.30 -10.75
CA SER A 7 -12.87 -7.39 -11.88
C SER A 7 -13.81 -6.28 -11.38
N GLY A 8 -14.15 -5.38 -12.30
CA GLY A 8 -15.01 -4.29 -11.93
C GLY A 8 -14.21 -3.20 -11.25
N GLY A 9 -14.88 -2.46 -10.37
CA GLY A 9 -14.19 -1.42 -9.67
C GLY A 9 -13.87 -0.26 -10.60
N GLY A 10 -12.86 0.51 -10.18
CA GLY A 10 -12.42 1.68 -10.91
C GLY A 10 -12.90 2.99 -10.33
N VAL A 11 -13.18 3.94 -11.19
CA VAL A 11 -13.54 5.28 -10.77
C VAL A 11 -15.04 5.37 -10.61
N VAL A 12 -15.47 6.06 -9.55
CA VAL A 12 -16.89 6.34 -9.34
C VAL A 12 -17.04 7.75 -8.78
N LYS A 13 -18.03 8.48 -9.29
CA LYS A 13 -18.27 9.83 -8.79
C LYS A 13 -18.86 9.78 -7.38
N PRO A 14 -18.54 10.76 -6.52
CA PRO A 14 -19.19 10.82 -5.21
C PRO A 14 -20.70 10.76 -5.35
N GLY A 15 -21.32 9.91 -4.54
CA GLY A 15 -22.76 9.75 -4.52
C GLY A 15 -23.30 8.71 -5.46
N ALA A 16 -22.48 8.23 -6.40
CA ALA A 16 -22.93 7.26 -7.40
C ALA A 16 -22.69 5.84 -6.88
N SER A 17 -22.93 4.85 -7.73
CA SER A 17 -22.76 3.47 -7.35
C SER A 17 -21.72 2.78 -8.23
N LEU A 18 -21.11 1.74 -7.68
CA LEU A 18 -20.06 1.01 -8.37
C LEU A 18 -20.17 -0.47 -8.01
N ARG A 19 -19.96 -1.34 -8.99
CA ARG A 19 -20.03 -2.78 -8.77
C ARG A 19 -18.65 -3.41 -8.85
N LEU A 20 -18.35 -4.30 -7.90
CA LEU A 20 -17.15 -5.14 -7.89
C LEU A 20 -17.56 -6.60 -8.11
N ALA A 21 -16.75 -7.35 -8.88
CA ALA A 21 -17.04 -8.77 -9.12
C ALA A 21 -15.84 -9.62 -8.75
N CYS A 22 -16.13 -10.86 -8.39
CA CYS A 22 -15.07 -11.82 -8.11
C CYS A 22 -15.48 -13.18 -8.64
N SER A 23 -14.55 -13.85 -9.32
CA SER A 23 -14.81 -15.12 -9.99
C SER A 23 -13.96 -16.19 -9.30
N ALA A 24 -14.62 -17.24 -8.80
CA ALA A 24 -13.96 -18.31 -8.05
C ALA A 24 -13.71 -19.53 -8.93
N SER A 25 -12.52 -20.12 -8.80
CA SER A 25 -12.24 -21.34 -9.52
C SER A 25 -11.44 -22.27 -8.63
N GLY A 26 -11.52 -23.56 -8.92
CA GLY A 26 -10.66 -24.53 -8.26
C GLY A 26 -11.17 -25.07 -6.95
N PHE A 27 -12.32 -24.62 -6.45
CA PHE A 27 -12.90 -25.17 -5.23
C PHE A 27 -14.43 -25.21 -5.36
N THR A 28 -15.09 -25.86 -4.41
CA THR A 28 -16.54 -25.94 -4.45
C THR A 28 -17.10 -24.64 -3.87
N PHE A 29 -17.52 -23.75 -4.77
CA PHE A 29 -17.97 -22.40 -4.39
C PHE A 29 -19.11 -22.46 -3.38
N THR A 30 -20.04 -23.40 -3.57
CA THR A 30 -21.22 -23.46 -2.73
C THR A 30 -20.94 -24.10 -1.37
N ASP A 31 -19.71 -24.52 -1.10
CA ASP A 31 -19.33 -24.95 0.23
C ASP A 31 -18.86 -23.80 1.10
N TYR A 32 -18.82 -22.57 0.58
CA TYR A 32 -18.17 -21.46 1.26
C TYR A 32 -19.02 -20.21 1.38
N TYR A 33 -19.01 -19.61 2.57
CA TYR A 33 -19.27 -18.19 2.74
C TYR A 33 -18.20 -17.40 1.99
N MET A 34 -18.55 -16.19 1.56
CA MET A 34 -17.61 -15.29 0.91
C MET A 34 -17.69 -13.92 1.56
N SER A 35 -16.54 -13.23 1.62
CA SER A 35 -16.46 -11.93 2.27
C SER A 35 -15.78 -10.95 1.35
N TRP A 36 -16.06 -9.68 1.62
CA TRP A 36 -15.32 -8.55 1.06
C TRP A 36 -14.64 -7.80 2.19
N ILE A 37 -13.40 -7.37 1.91
CA ILE A 37 -12.54 -6.66 2.85
C ILE A 37 -11.89 -5.54 2.05
N ARG A 38 -11.86 -4.32 2.61
CA ARG A 38 -11.11 -3.25 1.96
C ARG A 38 -9.95 -2.74 2.82
N GLN A 39 -9.05 -2.02 2.16
CA GLN A 39 -7.93 -1.36 2.78
C GLN A 39 -7.90 0.08 2.30
N THR A 40 -8.11 1.01 3.22
CA THR A 40 -8.10 2.42 2.95
C THR A 40 -7.11 3.08 3.89
N PRO A 41 -6.54 4.21 3.48
CA PRO A 41 -5.57 4.88 4.35
C PRO A 41 -6.15 5.27 5.70
N GLY A 42 -7.43 5.65 5.75
CA GLY A 42 -8.01 6.18 6.99
C GLY A 42 -8.53 5.13 7.95
N LYS A 43 -9.04 4.01 7.44
CA LYS A 43 -9.70 3.01 8.28
C LYS A 43 -8.97 1.67 8.26
N GLY A 44 -7.79 1.61 7.66
CA GLY A 44 -7.01 0.38 7.73
C GLY A 44 -7.66 -0.77 6.98
N LEU A 45 -7.32 -1.98 7.41
CA LEU A 45 -7.92 -3.16 6.85
C LEU A 45 -9.24 -3.40 7.55
N GLN A 46 -10.28 -3.56 6.76
CA GLN A 46 -11.64 -3.46 7.25
C GLN A 46 -12.52 -4.51 6.59
N TRP A 47 -13.05 -5.42 7.40
CA TRP A 47 -14.03 -6.36 6.88
C TRP A 47 -15.33 -5.61 6.60
N LEU A 48 -15.94 -5.86 5.45
CA LEU A 48 -17.13 -5.14 5.00
C LEU A 48 -18.40 -5.96 5.03
N ALA A 49 -18.34 -7.20 4.56
CA ALA A 49 -19.57 -7.93 4.29
C ALA A 49 -19.26 -9.39 4.14
N TYR A 50 -20.21 -10.25 4.55
CA TYR A 50 -20.15 -11.66 4.19
C TYR A 50 -21.52 -12.11 3.69
N ILE A 51 -21.50 -13.14 2.86
CA ILE A 51 -22.70 -13.73 2.33
C ILE A 51 -22.64 -15.23 2.57
N THR A 52 -23.75 -15.81 3.00
CA THR A 52 -23.80 -17.25 3.26
C THR A 52 -23.75 -18.04 1.95
N LYS A 53 -23.62 -19.37 2.08
CA LYS A 53 -23.40 -20.26 0.94
C LYS A 53 -24.43 -20.08 -0.15
N ASP A 54 -25.71 -20.11 0.24
CA ASP A 54 -26.79 -20.01 -0.73
C ASP A 54 -27.23 -18.58 -1.01
N GLY A 55 -26.48 -17.60 -0.52
CA GLY A 55 -26.76 -16.22 -0.86
C GLY A 55 -27.94 -15.61 -0.16
N SER A 56 -28.54 -16.31 0.81
CA SER A 56 -29.78 -15.84 1.40
C SER A 56 -29.56 -14.89 2.58
N GLU A 57 -28.44 -14.99 3.30
CA GLU A 57 -28.20 -14.16 4.47
C GLU A 57 -26.93 -13.36 4.22
N LYS A 58 -26.97 -12.09 4.61
CA LYS A 58 -25.85 -11.17 4.42
C LYS A 58 -25.62 -10.40 5.72
N LYS A 59 -24.36 -10.16 6.05
CA LYS A 59 -24.01 -9.37 7.22
C LYS A 59 -23.01 -8.31 6.81
N TYR A 60 -23.12 -7.12 7.40
CA TYR A 60 -22.33 -5.96 7.01
C TYR A 60 -21.77 -5.25 8.24
N ALA A 61 -20.66 -4.56 8.03
CA ALA A 61 -20.11 -3.69 9.06
C ALA A 61 -21.08 -2.53 9.28
N ASP A 62 -21.44 -2.30 10.55
CA ASP A 62 -22.47 -1.30 10.83
C ASP A 62 -22.06 0.08 10.39
N SER A 63 -20.75 0.38 10.37
CA SER A 63 -20.34 1.73 10.03
C SER A 63 -20.63 2.07 8.57
N LEU A 64 -20.96 1.08 7.75
CA LEU A 64 -21.29 1.35 6.36
C LEU A 64 -22.70 1.89 6.19
N GLN A 65 -23.47 1.94 7.27
CA GLN A 65 -24.81 2.50 7.28
C GLN A 65 -25.67 1.96 6.15
N GLY A 66 -25.47 0.69 5.81
CA GLY A 66 -26.28 0.02 4.82
C GLY A 66 -25.98 0.39 3.38
N ARG A 67 -24.85 1.05 3.13
CA ARG A 67 -24.58 1.59 1.80
C ARG A 67 -24.10 0.54 0.82
N PHE A 68 -23.60 -0.59 1.33
CA PHE A 68 -23.02 -1.62 0.49
C PHE A 68 -23.92 -2.86 0.53
N ALA A 69 -23.92 -3.58 -0.60
CA ALA A 69 -24.82 -4.72 -0.82
C ALA A 69 -24.02 -5.84 -1.44
N VAL A 70 -23.95 -6.99 -0.77
CA VAL A 70 -23.22 -8.15 -1.26
C VAL A 70 -24.24 -9.13 -1.83
N SER A 71 -23.83 -9.83 -2.89
CA SER A 71 -24.71 -10.80 -3.52
C SER A 71 -23.81 -11.85 -4.15
N ARG A 72 -24.39 -12.99 -4.52
CA ARG A 72 -23.60 -14.01 -5.19
C ARG A 72 -24.47 -14.73 -6.21
N ASP A 73 -23.77 -15.32 -7.18
CA ASP A 73 -24.40 -16.05 -8.29
C ASP A 73 -23.75 -17.43 -8.33
N ASN A 74 -24.40 -18.40 -7.73
CA ASN A 74 -23.77 -19.71 -7.60
C ASN A 74 -23.77 -20.49 -8.90
N ALA A 75 -24.60 -20.10 -9.86
CA ALA A 75 -24.58 -20.79 -11.14
C ALA A 75 -23.33 -20.44 -11.95
N ASN A 76 -22.70 -19.32 -11.64
CA ASN A 76 -21.54 -18.83 -12.38
C ASN A 76 -20.32 -18.58 -11.51
N ASN A 77 -20.34 -19.03 -10.24
CA ASN A 77 -19.18 -18.90 -9.35
C ASN A 77 -18.73 -17.44 -9.22
N LEU A 78 -19.69 -16.54 -9.06
CA LEU A 78 -19.38 -15.12 -8.90
C LEU A 78 -19.90 -14.62 -7.56
N VAL A 79 -19.17 -13.67 -6.99
CA VAL A 79 -19.71 -12.90 -5.88
C VAL A 79 -19.52 -11.42 -6.22
N PHE A 80 -20.38 -10.58 -5.68
CA PHE A 80 -20.43 -9.17 -6.05
C PHE A 80 -20.52 -8.30 -4.83
N LEU A 81 -20.04 -7.07 -4.97
CA LEU A 81 -20.24 -6.06 -3.94
C LEU A 81 -20.65 -4.79 -4.67
N GLN A 82 -21.78 -4.23 -4.29
CA GLN A 82 -22.22 -2.96 -4.85
C GLN A 82 -22.02 -1.90 -3.79
N LEU A 83 -21.26 -0.86 -4.14
CA LEU A 83 -21.05 0.30 -3.30
C LEU A 83 -22.05 1.37 -3.73
N ASN A 84 -22.90 1.83 -2.81
CA ASN A 84 -23.84 2.88 -3.15
C ASN A 84 -23.53 4.15 -2.38
N THR A 85 -24.00 5.27 -2.90
CA THR A 85 -23.84 6.56 -2.27
C THR A 85 -22.40 6.73 -1.78
N VAL A 86 -21.45 6.45 -2.67
CA VAL A 86 -20.05 6.39 -2.27
C VAL A 86 -19.57 7.76 -1.83
N GLU A 87 -18.54 7.77 -0.99
CA GLU A 87 -17.98 8.99 -0.44
C GLU A 87 -16.47 8.86 -0.43
N ASP A 88 -15.78 9.96 -0.09
CA ASP A 88 -14.32 9.96 -0.22
C ASP A 88 -13.67 8.89 0.64
N ASP A 89 -14.22 8.57 1.83
CA ASP A 89 -13.68 7.50 2.68
C ASP A 89 -13.70 6.12 2.03
N ASP A 90 -14.44 5.93 0.95
CA ASP A 90 -14.55 4.62 0.33
C ASP A 90 -13.42 4.34 -0.65
N THR A 91 -12.62 5.35 -0.99
CA THR A 91 -11.46 5.12 -1.85
C THR A 91 -10.47 4.16 -1.18
N GLY A 92 -10.02 3.15 -1.93
CA GLY A 92 -9.08 2.17 -1.40
C GLY A 92 -9.00 0.96 -2.30
N VAL A 93 -8.48 -0.14 -1.75
CA VAL A 93 -8.32 -1.40 -2.47
C VAL A 93 -9.26 -2.41 -1.83
N TYR A 94 -10.10 -3.01 -2.66
CA TYR A 94 -11.16 -3.91 -2.21
C TYR A 94 -10.76 -5.33 -2.59
N TYR A 95 -10.90 -6.27 -1.63
CA TYR A 95 -10.59 -7.67 -1.82
C TYR A 95 -11.84 -8.50 -1.61
N CYS A 96 -12.01 -9.54 -2.45
N CYS A 96 -11.99 -9.50 -2.45
CA CYS A 96 -12.91 -10.65 -2.17
CA CYS A 96 -12.83 -10.64 -2.16
C CYS A 96 -12.09 -11.80 -1.58
C CYS A 96 -11.98 -11.67 -1.43
N ALA A 97 -12.61 -12.43 -0.53
CA ALA A 97 -11.91 -13.48 0.18
C ALA A 97 -12.83 -14.66 0.44
N ARG A 98 -12.28 -15.84 0.28
CA ARG A 98 -12.96 -17.04 0.74
C ARG A 98 -12.96 -17.05 2.27
N ASP A 99 -14.09 -17.44 2.84
CA ASP A 99 -14.36 -17.32 4.27
C ASP A 99 -14.52 -18.75 4.81
N ASP A 100 -13.55 -19.20 5.62
CA ASP A 100 -13.53 -20.54 6.19
C ASP A 100 -13.87 -20.43 7.67
N GLY A 101 -14.92 -21.13 8.11
CA GLY A 101 -15.37 -20.97 9.48
C GLY A 101 -16.39 -22.01 9.87
N TYR A 102 -16.99 -21.80 11.03
CA TYR A 102 -18.08 -22.63 11.51
C TYR A 102 -19.18 -21.73 12.01
N TYR A 103 -20.40 -22.29 12.07
CA TYR A 103 -21.53 -21.55 12.60
C TYR A 103 -22.34 -22.47 13.48
N ASP A 104 -22.81 -21.92 14.59
CA ASP A 104 -23.77 -22.61 15.42
C ASP A 104 -24.99 -21.71 15.53
N ARG A 105 -25.85 -21.93 16.51
CA ARG A 105 -27.03 -21.09 16.61
C ARG A 105 -26.69 -19.66 17.00
N SER A 106 -25.48 -19.40 17.49
CA SER A 106 -25.11 -18.06 17.94
C SER A 106 -24.58 -17.17 16.82
N GLY A 107 -24.05 -17.73 15.75
CA GLY A 107 -23.43 -16.93 14.73
C GLY A 107 -22.40 -17.72 13.95
N TYR A 108 -21.64 -16.97 13.15
CA TYR A 108 -20.63 -17.50 12.24
C TYR A 108 -19.27 -16.96 12.63
N TYR A 109 -18.27 -17.85 12.70
CA TYR A 109 -16.94 -17.52 13.21
C TYR A 109 -15.93 -18.01 12.20
N GLY A 110 -15.17 -17.09 11.57
CA GLY A 110 -14.29 -17.52 10.48
C GLY A 110 -13.11 -16.62 10.18
N VAL A 111 -12.29 -17.10 9.23
CA VAL A 111 -11.06 -16.43 8.81
C VAL A 111 -11.05 -16.42 7.28
N PHE A 112 -10.07 -15.71 6.71
CA PHE A 112 -10.02 -15.45 5.28
C PHE A 112 -8.81 -16.17 4.72
N ASP A 113 -9.06 -17.36 4.13
CA ASP A 113 -7.95 -18.25 3.80
C ASP A 113 -7.51 -18.15 2.34
N LEU A 114 -8.20 -17.40 1.50
CA LEU A 114 -7.87 -17.27 0.08
C LEU A 114 -8.40 -15.92 -0.36
N TRP A 115 -7.58 -15.15 -1.06
CA TRP A 115 -7.91 -13.75 -1.35
C TRP A 115 -7.76 -13.47 -2.84
N GLY A 116 -8.64 -12.60 -3.37
CA GLY A 116 -8.45 -12.07 -4.71
C GLY A 116 -7.25 -11.13 -4.74
N GLN A 117 -6.92 -10.63 -5.95
CA GLN A 117 -5.75 -9.78 -6.11
C GLN A 117 -5.97 -8.34 -5.67
N GLY A 118 -7.21 -7.96 -5.36
CA GLY A 118 -7.55 -6.60 -4.98
C GLY A 118 -7.86 -5.74 -6.20
N ILE A 119 -8.79 -4.82 -6.04
CA ILE A 119 -9.23 -3.91 -7.10
C ILE A 119 -9.24 -2.51 -6.52
N ARG A 120 -8.74 -1.55 -7.30
CA ARG A 120 -8.71 -0.16 -6.86
C ARG A 120 -10.05 0.48 -7.11
N VAL A 121 -10.57 1.14 -6.09
CA VAL A 121 -11.80 1.94 -6.18
C VAL A 121 -11.39 3.38 -5.89
N THR A 122 -11.68 4.29 -6.84
CA THR A 122 -11.34 5.70 -6.68
C THR A 122 -12.62 6.52 -6.70
N VAL A 123 -12.95 7.16 -5.59
CA VAL A 123 -14.12 8.02 -5.52
C VAL A 123 -13.70 9.45 -5.86
N SER A 124 -14.13 9.95 -7.02
CA SER A 124 -13.64 11.22 -7.52
C SER A 124 -14.54 11.71 -8.65
N SER A 125 -14.72 13.01 -8.73
CA SER A 125 -15.42 13.58 -9.87
C SER A 125 -14.49 13.90 -11.05
N ALA A 126 -13.20 13.58 -10.93
CA ALA A 126 -12.21 13.91 -11.96
C ALA A 126 -12.44 13.08 -13.22
N SER A 127 -12.05 13.67 -14.35
CA SER A 127 -12.11 12.96 -15.63
C SER A 127 -10.79 12.28 -15.94
N THR A 128 -10.87 11.18 -16.68
CA THR A 128 -9.67 10.51 -17.17
C THR A 128 -8.83 11.51 -17.94
N LYS A 129 -7.52 11.48 -17.66
CA LYS A 129 -6.58 12.42 -18.25
C LYS A 129 -5.22 11.76 -18.23
N GLY A 130 -4.54 11.78 -19.37
CA GLY A 130 -3.20 11.25 -19.44
C GLY A 130 -2.16 12.23 -18.91
N PRO A 131 -0.98 11.73 -18.54
CA PRO A 131 0.02 12.58 -17.92
C PRO A 131 0.78 13.46 -18.88
N SER A 132 1.22 14.60 -18.35
CA SER A 132 2.36 15.31 -18.92
C SER A 132 3.64 14.69 -18.36
N VAL A 133 4.65 14.56 -19.20
CA VAL A 133 5.91 13.99 -18.77
C VAL A 133 7.01 15.03 -18.99
N PHE A 134 7.64 15.43 -17.89
CA PHE A 134 8.68 16.45 -17.92
C PHE A 134 10.02 15.86 -17.49
N PRO A 135 11.13 16.28 -18.09
CA PRO A 135 12.43 15.74 -17.69
C PRO A 135 12.92 16.32 -16.37
N LEU A 136 13.62 15.47 -15.63
CA LEU A 136 14.41 15.87 -14.46
C LEU A 136 15.86 15.71 -14.92
N ALA A 137 16.43 16.81 -15.43
CA ALA A 137 17.68 16.70 -16.17
C ALA A 137 18.87 16.55 -15.22
N PRO A 138 19.90 15.79 -15.60
CA PRO A 138 21.06 15.66 -14.72
C PRO A 138 21.80 16.98 -14.55
N SER A 139 22.23 17.24 -13.31
CA SER A 139 22.82 18.53 -12.96
C SER A 139 24.17 18.73 -13.66
N SER A 140 24.41 19.96 -14.11
CA SER A 140 25.67 20.33 -14.77
C SER A 140 25.86 21.84 -14.76
N GLY A 146 31.55 11.37 -10.50
CA GLY A 146 30.95 10.38 -9.63
C GLY A 146 29.61 9.90 -10.14
N THR A 147 28.55 10.20 -9.41
CA THR A 147 27.21 9.73 -9.72
C THR A 147 26.31 10.90 -10.09
N ALA A 148 25.49 10.70 -11.10
CA ALA A 148 24.48 11.68 -11.48
C ALA A 148 23.09 11.09 -11.28
N ALA A 149 22.13 11.94 -10.95
CA ALA A 149 20.74 11.55 -10.89
C ALA A 149 19.95 12.24 -12.00
N LEU A 150 19.01 11.50 -12.60
CA LEU A 150 18.11 12.07 -13.60
C LEU A 150 16.78 11.34 -13.45
N GLY A 151 15.76 11.86 -14.11
CA GLY A 151 14.45 11.26 -13.96
C GLY A 151 13.40 11.91 -14.84
N CYS A 152 12.15 11.51 -14.59
CA CYS A 152 10.97 12.04 -15.24
C CYS A 152 9.92 12.35 -14.20
N LEU A 153 9.27 13.52 -14.36
CA LEU A 153 8.13 13.94 -13.56
C LEU A 153 6.85 13.66 -14.38
N VAL A 154 5.98 12.81 -13.84
CA VAL A 154 4.81 12.30 -14.52
C VAL A 154 3.62 12.98 -13.86
N LYS A 155 3.10 14.06 -14.46
CA LYS A 155 2.24 14.98 -13.73
C LYS A 155 0.85 15.09 -14.34
N ASP A 156 -0.13 15.29 -13.45
CA ASP A 156 -1.50 15.67 -13.80
C ASP A 156 -2.21 14.59 -14.62
N TYR A 157 -2.18 13.36 -14.11
CA TYR A 157 -2.96 12.29 -14.70
C TYR A 157 -4.06 11.82 -13.74
N PHE A 158 -5.03 11.11 -14.30
CA PHE A 158 -6.11 10.52 -13.50
C PHE A 158 -6.75 9.40 -14.32
N PRO A 159 -7.09 8.28 -13.69
CA PRO A 159 -6.84 7.79 -12.33
C PRO A 159 -5.49 7.11 -12.24
N GLU A 160 -5.12 6.62 -11.07
CA GLU A 160 -4.04 5.63 -10.90
C GLU A 160 -4.40 4.37 -11.71
N PRO A 161 -3.38 3.59 -12.13
CA PRO A 161 -1.95 3.77 -11.97
C PRO A 161 -1.23 4.17 -13.26
N VAL A 162 0.02 4.60 -13.11
CA VAL A 162 0.96 4.66 -14.24
C VAL A 162 2.07 3.66 -13.98
N THR A 163 2.70 3.19 -15.05
CA THR A 163 3.96 2.48 -14.93
C THR A 163 5.04 3.25 -15.67
N VAL A 164 6.27 3.12 -15.17
CA VAL A 164 7.44 3.78 -15.76
C VAL A 164 8.52 2.74 -15.91
N SER A 165 9.13 2.69 -17.09
CA SER A 165 10.34 1.93 -17.29
C SER A 165 11.39 2.87 -17.83
N TRP A 166 12.63 2.41 -17.86
CA TRP A 166 13.74 3.17 -18.42
C TRP A 166 14.39 2.36 -19.52
N ASN A 167 14.65 3.02 -20.65
CA ASN A 167 15.31 2.43 -21.82
C ASN A 167 14.63 1.10 -22.20
N SER A 168 13.30 1.16 -22.24
CA SER A 168 12.41 0.04 -22.59
C SER A 168 12.62 -1.17 -21.69
N GLY A 169 12.96 -0.93 -20.42
CA GLY A 169 13.12 -2.01 -19.47
C GLY A 169 14.55 -2.52 -19.35
N ALA A 170 15.46 -2.02 -20.18
CA ALA A 170 16.84 -2.45 -20.09
C ALA A 170 17.57 -1.89 -18.86
N LEU A 171 17.10 -0.76 -18.32
CA LEU A 171 17.76 -0.08 -17.21
C LEU A 171 16.88 -0.20 -15.98
N THR A 172 17.33 -1.00 -15.00
CA THR A 172 16.57 -1.22 -13.76
C THR A 172 17.42 -0.93 -12.52
N SER A 173 18.73 -1.14 -12.62
CA SER A 173 19.64 -0.86 -11.52
C SER A 173 19.62 0.63 -11.20
N GLY A 174 19.36 0.96 -9.93
CA GLY A 174 19.34 2.35 -9.49
C GLY A 174 18.05 3.10 -9.80
N VAL A 175 17.07 2.46 -10.39
CA VAL A 175 15.80 3.14 -10.64
C VAL A 175 14.98 3.15 -9.36
N HIS A 176 14.34 4.28 -9.08
CA HIS A 176 13.32 4.41 -8.04
C HIS A 176 12.11 5.10 -8.67
N THR A 177 11.00 4.39 -8.77
CA THR A 177 9.74 5.00 -9.16
C THR A 177 8.89 5.15 -7.89
N PHE A 178 8.51 6.38 -7.62
CA PHE A 178 7.93 6.69 -6.32
C PHE A 178 6.43 6.55 -6.32
N PRO A 179 5.83 6.29 -5.15
CA PRO A 179 4.37 6.36 -5.04
C PRO A 179 3.85 7.71 -5.50
N ALA A 180 2.74 7.69 -6.22
CA ALA A 180 2.17 8.95 -6.67
C ALA A 180 1.58 9.70 -5.48
N VAL A 181 1.46 11.01 -5.64
CA VAL A 181 0.72 11.84 -4.69
C VAL A 181 -0.50 12.42 -5.39
N LEU A 182 -1.54 12.66 -4.61
CA LEU A 182 -2.77 13.27 -5.10
C LEU A 182 -2.73 14.76 -4.80
N GLN A 183 -2.77 15.57 -5.86
CA GLN A 183 -2.74 17.02 -5.75
C GLN A 183 -4.12 17.58 -5.46
N SER A 184 -4.16 18.83 -5.02
CA SER A 184 -5.44 19.43 -4.66
C SER A 184 -6.34 19.59 -5.86
N SER A 185 -5.79 19.55 -7.07
CA SER A 185 -6.59 19.56 -8.29
C SER A 185 -7.37 18.28 -8.50
N GLY A 186 -7.03 17.20 -7.78
CA GLY A 186 -7.64 15.91 -7.99
C GLY A 186 -6.87 15.02 -8.96
N LEU A 187 -5.75 15.51 -9.47
CA LEU A 187 -4.91 14.77 -10.39
C LEU A 187 -3.67 14.32 -9.63
N TYR A 188 -3.11 13.21 -10.07
CA TYR A 188 -1.95 12.58 -9.49
C TYR A 188 -0.65 13.10 -10.11
N SER A 189 0.44 12.95 -9.35
CA SER A 189 1.78 13.30 -9.80
C SER A 189 2.77 12.29 -9.24
N LEU A 190 3.69 11.84 -10.09
CA LEU A 190 4.66 10.83 -9.72
C LEU A 190 6.03 11.18 -10.32
N SER A 191 7.10 10.86 -9.60
CA SER A 191 8.44 10.91 -10.18
C SER A 191 9.10 9.54 -10.28
N SER A 192 9.99 9.41 -11.27
CA SER A 192 10.84 8.24 -11.42
C SER A 192 12.25 8.73 -11.69
N VAL A 193 13.22 8.18 -10.96
CA VAL A 193 14.58 8.65 -11.03
C VAL A 193 15.50 7.47 -11.24
N VAL A 194 16.69 7.77 -11.72
CA VAL A 194 17.75 6.76 -11.77
C VAL A 194 19.07 7.46 -11.51
N THR A 195 19.97 6.78 -10.81
CA THR A 195 21.33 7.29 -10.64
C THR A 195 22.25 6.51 -11.57
N VAL A 196 23.17 7.23 -12.20
CA VAL A 196 24.04 6.68 -13.24
C VAL A 196 25.43 7.28 -13.09
N PRO A 197 26.44 6.72 -13.74
CA PRO A 197 27.76 7.37 -13.76
C PRO A 197 27.70 8.70 -14.47
N SER A 198 28.24 9.74 -13.83
CA SER A 198 28.24 11.04 -14.47
C SER A 198 28.98 10.98 -15.80
N SER A 199 29.92 10.05 -15.96
CA SER A 199 30.68 9.93 -17.19
C SER A 199 29.86 9.37 -18.34
N SER A 200 28.71 8.75 -18.07
CA SER A 200 27.89 8.21 -19.14
C SER A 200 26.98 9.26 -19.76
N LEU A 201 26.96 10.48 -19.22
CA LEU A 201 25.92 11.44 -19.60
C LEU A 201 26.06 11.93 -21.03
N GLY A 202 27.27 11.94 -21.57
CA GLY A 202 27.44 12.36 -22.94
C GLY A 202 27.29 11.27 -23.97
N THR A 203 27.23 10.01 -23.54
CA THR A 203 27.29 8.88 -24.44
C THR A 203 26.15 7.89 -24.27
N GLN A 204 25.46 7.89 -23.14
CA GLN A 204 24.32 7.01 -22.92
C GLN A 204 23.03 7.80 -23.07
N THR A 205 22.11 7.29 -23.87
CA THR A 205 20.77 7.85 -23.93
C THR A 205 19.90 7.30 -22.81
N TYR A 206 19.11 8.17 -22.19
CA TYR A 206 18.20 7.81 -21.11
C TYR A 206 16.79 8.25 -21.51
N ILE A 207 15.91 7.27 -21.67
CA ILE A 207 14.52 7.52 -22.07
C ILE A 207 13.60 6.94 -20.99
N CYS A 208 12.67 7.73 -20.47
CA CYS A 208 11.66 7.15 -19.58
C CYS A 208 10.44 6.78 -20.41
N ASN A 209 9.93 5.56 -20.21
CA ASN A 209 8.77 5.04 -20.92
C ASN A 209 7.61 5.01 -19.93
N VAL A 210 6.62 5.87 -20.17
CA VAL A 210 5.48 6.04 -19.29
C VAL A 210 4.24 5.44 -19.98
N ASN A 211 3.48 4.64 -19.24
CA ASN A 211 2.26 4.02 -19.75
C ASN A 211 1.15 4.26 -18.74
N HIS A 212 0.10 4.93 -19.19
CA HIS A 212 -1.08 5.25 -18.39
C HIS A 212 -2.24 4.53 -19.07
N LYS A 213 -2.46 3.27 -18.68
CA LYS A 213 -3.44 2.46 -19.40
C LYS A 213 -4.85 3.04 -19.33
N PRO A 214 -5.30 3.60 -18.20
CA PRO A 214 -6.66 4.14 -18.15
C PRO A 214 -6.96 5.13 -19.26
N SER A 215 -5.97 5.87 -19.76
CA SER A 215 -6.16 6.80 -20.87
C SER A 215 -5.53 6.32 -22.18
N ASN A 216 -5.02 5.07 -22.22
CA ASN A 216 -4.36 4.54 -23.43
C ASN A 216 -3.22 5.44 -23.88
N THR A 217 -2.54 6.09 -22.93
CA THR A 217 -1.46 7.02 -23.23
C THR A 217 -0.11 6.32 -23.00
N LYS A 218 0.72 6.28 -24.02
CA LYS A 218 2.11 5.85 -23.91
C LYS A 218 2.99 7.00 -24.37
N VAL A 219 3.95 7.39 -23.56
CA VAL A 219 4.86 8.47 -23.93
C VAL A 219 6.27 8.10 -23.51
N ASP A 220 7.21 8.33 -24.42
CA ASP A 220 8.63 8.17 -24.17
C ASP A 220 9.27 9.54 -24.15
N LYS A 221 10.07 9.81 -23.13
CA LYS A 221 10.69 11.11 -22.98
C LYS A 221 12.19 10.94 -22.84
N LYS A 222 12.96 11.53 -23.75
CA LYS A 222 14.40 11.51 -23.63
C LYS A 222 14.83 12.56 -22.61
N VAL A 223 15.71 12.17 -21.69
CA VAL A 223 16.19 13.06 -20.62
C VAL A 223 17.66 13.36 -20.91
N GLU A 224 17.96 14.63 -21.16
CA GLU A 224 19.30 15.06 -21.51
C GLU A 224 19.81 16.09 -20.51
N PRO A 225 21.13 16.23 -20.36
CA PRO A 225 21.66 17.39 -19.62
C PRO A 225 21.20 18.68 -20.26
N LYS A 226 21.07 19.73 -19.44
CA LYS A 226 20.53 21.01 -19.93
C LYS A 226 21.65 22.02 -20.13
N GLU B 1 -16.88 -2.08 19.96
CA GLU B 1 -17.09 -3.15 20.97
C GLU B 1 -15.80 -3.95 21.20
N PHE B 2 -15.32 -4.63 20.15
CA PHE B 2 -14.07 -5.38 20.20
C PHE B 2 -13.01 -4.60 19.43
N LEU B 3 -12.06 -4.02 20.15
CA LEU B 3 -10.97 -3.28 19.53
C LEU B 3 -9.67 -4.06 19.70
N LEU B 4 -8.95 -4.23 18.60
CA LEU B 4 -7.63 -4.81 18.57
C LEU B 4 -6.60 -3.71 18.35
N THR B 5 -5.60 -3.65 19.21
CA THR B 5 -4.55 -2.66 19.14
C THR B 5 -3.22 -3.40 19.10
N GLN B 6 -2.46 -3.19 18.04
CA GLN B 6 -1.18 -3.86 17.89
C GLN B 6 -0.07 -2.94 18.39
N SER B 7 1.02 -3.54 18.83
CA SER B 7 2.23 -2.73 19.03
C SER B 7 3.48 -3.56 18.77
N PRO B 8 4.57 -2.90 18.37
CA PRO B 8 4.59 -1.48 18.00
C PRO B 8 3.90 -1.21 16.67
N ASP B 9 3.87 0.04 16.23
CA ASP B 9 3.40 0.34 14.88
C ASP B 9 4.39 -0.12 13.82
N SER B 10 5.69 -0.03 14.11
CA SER B 10 6.71 -0.53 13.18
C SER B 10 7.91 -0.98 14.00
N LEU B 11 8.68 -1.89 13.40
CA LEU B 11 9.77 -2.61 14.06
C LEU B 11 10.86 -2.86 13.04
N ALA B 12 12.10 -2.46 13.32
CA ALA B 12 13.26 -2.86 12.50
C ALA B 12 13.95 -4.04 13.15
N VAL B 13 14.22 -5.08 12.37
CA VAL B 13 14.76 -6.33 12.89
C VAL B 13 15.97 -6.72 12.04
N THR B 14 17.06 -7.09 12.71
CA THR B 14 18.24 -7.58 12.02
C THR B 14 17.97 -8.98 11.49
N LEU B 15 18.43 -9.25 10.27
CA LEU B 15 18.27 -10.60 9.72
C LEU B 15 18.84 -11.65 10.65
N GLY B 16 18.09 -12.72 10.85
CA GLY B 16 18.50 -13.81 11.72
C GLY B 16 18.11 -13.62 13.16
N GLU B 17 17.58 -12.48 13.53
CA GLU B 17 17.18 -12.21 14.90
C GLU B 17 15.68 -12.44 15.00
N THR B 18 15.13 -12.16 16.18
CA THR B 18 13.75 -12.49 16.49
C THR B 18 12.91 -11.23 16.58
N ALA B 19 11.77 -11.21 15.87
CA ALA B 19 10.78 -10.16 15.97
C ALA B 19 9.61 -10.63 16.82
N THR B 20 9.13 -9.76 17.71
CA THR B 20 7.90 -9.99 18.46
C THR B 20 6.93 -8.84 18.25
N ILE B 21 5.71 -9.15 17.85
N ILE B 21 5.72 -9.19 17.83
CA ILE B 21 4.68 -8.15 17.68
CA ILE B 21 4.62 -8.27 17.60
C ILE B 21 3.47 -8.60 18.48
C ILE B 21 3.52 -8.65 18.57
N THR B 22 2.87 -7.65 19.19
CA THR B 22 1.76 -7.94 20.09
C THR B 22 0.45 -7.36 19.58
N CYS B 23 -0.61 -7.98 20.08
CA CYS B 23 -1.99 -7.65 19.73
C CYS B 23 -2.77 -7.73 21.03
N ARG B 24 -3.38 -6.63 21.43
CA ARG B 24 -4.24 -6.59 22.60
C ARG B 24 -5.69 -6.43 22.18
N SER B 25 -6.57 -7.25 22.79
CA SER B 25 -8.00 -7.12 22.61
C SER B 25 -8.62 -6.43 23.82
N SER B 26 -9.53 -5.50 23.55
CA SER B 26 -10.25 -4.80 24.60
C SER B 26 -11.22 -5.73 25.34
N ARG B 27 -11.53 -6.90 24.75
CA ARG B 27 -12.45 -7.87 25.33
C ARG B 27 -11.86 -9.27 25.22
N ASN B 28 -12.17 -10.11 26.21
CA ASN B 28 -11.69 -11.48 26.18
C ASN B 28 -12.22 -12.22 24.95
N ILE B 29 -11.33 -12.96 24.26
CA ILE B 29 -11.73 -13.76 23.11
C ILE B 29 -11.30 -15.21 23.25
N LEU B 30 -11.10 -15.66 24.50
CA LEU B 30 -10.96 -17.06 24.83
C LEU B 30 -12.32 -17.58 25.25
N HIS B 31 -12.81 -18.62 24.57
CA HIS B 31 -14.09 -19.19 24.93
C HIS B 31 -13.88 -20.49 25.70
N SER B 32 -14.54 -20.59 26.85
CA SER B 32 -14.32 -21.74 27.72
C SER B 32 -14.95 -23.01 27.16
N LEU B 33 -15.89 -22.90 26.22
CA LEU B 33 -16.55 -24.09 25.69
C LEU B 33 -15.56 -25.01 24.99
N ASN B 34 -14.62 -24.45 24.23
CA ASN B 34 -13.60 -25.24 23.54
C ASN B 34 -12.18 -24.83 23.93
N ASN B 35 -12.04 -23.91 24.87
CA ASN B 35 -10.71 -23.48 25.31
C ASN B 35 -9.88 -22.95 24.14
N LYS B 36 -10.53 -22.28 23.19
CA LYS B 36 -9.84 -21.68 22.06
C LYS B 36 -9.94 -20.14 22.09
N ASN B 37 -8.83 -19.50 21.71
CA ASN B 37 -8.78 -18.07 21.40
C ASN B 37 -9.18 -17.82 19.95
N TYR B 38 -10.15 -16.93 19.72
CA TYR B 38 -10.69 -16.70 18.38
C TYR B 38 -9.91 -15.55 17.72
N LEU B 39 -8.64 -15.84 17.42
CA LEU B 39 -7.65 -14.86 16.96
C LEU B 39 -6.87 -15.45 15.79
N ALA B 40 -6.69 -14.67 14.73
CA ALA B 40 -5.88 -15.05 13.59
C ALA B 40 -4.82 -13.98 13.30
N TRP B 41 -3.75 -14.39 12.61
CA TRP B 41 -2.69 -13.49 12.15
C TRP B 41 -2.54 -13.60 10.62
N TYR B 42 -2.27 -12.45 10.00
CA TYR B 42 -2.01 -12.31 8.56
C TYR B 42 -0.68 -11.58 8.31
N GLN B 43 -0.11 -11.89 7.16
CA GLN B 43 1.06 -11.21 6.62
C GLN B 43 0.65 -10.51 5.33
N GLN B 44 1.04 -9.26 5.15
CA GLN B 44 0.79 -8.57 3.88
C GLN B 44 2.08 -7.94 3.37
N ARG B 45 2.57 -8.45 2.26
CA ARG B 45 3.69 -7.83 1.59
C ARG B 45 3.24 -6.72 0.64
N PRO B 46 4.15 -5.79 0.30
CA PRO B 46 3.78 -4.68 -0.57
C PRO B 46 3.18 -5.15 -1.89
N GLY B 47 2.04 -4.57 -2.25
CA GLY B 47 1.38 -4.86 -3.51
C GLY B 47 0.59 -6.15 -3.56
N GLN B 48 0.47 -6.84 -2.45
CA GLN B 48 -0.13 -8.15 -2.39
C GLN B 48 -1.31 -8.15 -1.43
N ALA B 49 -2.19 -9.13 -1.62
CA ALA B 49 -3.23 -9.39 -0.64
C ALA B 49 -2.63 -9.96 0.64
N PRO B 50 -3.31 -9.75 1.77
CA PRO B 50 -2.92 -10.46 2.99
C PRO B 50 -2.98 -11.95 2.78
N LYS B 51 -2.15 -12.64 3.56
CA LYS B 51 -2.03 -14.10 3.63
C LYS B 51 -2.27 -14.58 5.04
N LEU B 52 -3.12 -15.60 5.19
CA LEU B 52 -3.38 -16.18 6.51
C LEU B 52 -2.16 -16.95 7.01
N LEU B 53 -1.75 -16.69 8.25
CA LEU B 53 -0.61 -17.34 8.88
C LEU B 53 -0.99 -18.31 9.99
N VAL B 54 -1.89 -17.90 10.88
CA VAL B 54 -2.12 -18.55 12.17
C VAL B 54 -3.61 -18.43 12.46
N ILE B 55 -4.20 -19.54 12.97
CA ILE B 55 -5.57 -19.53 13.47
C ILE B 55 -5.54 -20.00 14.93
N TRP B 56 -6.62 -19.69 15.66
CA TRP B 56 -6.77 -20.09 17.05
C TRP B 56 -5.58 -19.63 17.90
N ALA B 57 -5.06 -18.44 17.57
CA ALA B 57 -3.92 -17.78 18.21
C ALA B 57 -2.58 -18.47 18.01
N SER B 58 -2.52 -19.79 17.95
CA SER B 58 -1.24 -20.48 18.00
C SER B 58 -1.07 -21.60 16.97
N MET B 59 -2.06 -21.85 16.11
CA MET B 59 -2.01 -22.93 15.13
C MET B 59 -1.63 -22.39 13.76
N ARG B 60 -0.43 -22.75 13.29
CA ARG B 60 0.03 -22.35 11.96
C ARG B 60 -0.76 -23.06 10.90
N VAL B 61 -1.13 -22.34 9.85
CA VAL B 61 -1.86 -23.00 8.77
C VAL B 61 -0.86 -23.63 7.81
N SER B 62 -1.39 -24.40 6.86
CA SER B 62 -0.55 -25.21 5.99
C SER B 62 0.36 -24.31 5.17
N GLY B 63 1.62 -24.71 5.06
CA GLY B 63 2.55 -23.99 4.23
C GLY B 63 3.30 -22.85 4.91
N VAL B 64 2.88 -22.44 6.11
CA VAL B 64 3.48 -21.30 6.80
C VAL B 64 4.76 -21.76 7.50
N ALA B 65 5.83 -20.99 7.32
CA ALA B 65 7.12 -21.35 7.91
C ALA B 65 7.02 -21.49 9.42
N ASP B 66 7.68 -22.52 9.96
CA ASP B 66 7.64 -22.77 11.40
C ASP B 66 8.53 -21.80 12.19
N ARG B 67 9.15 -20.82 11.55
CA ARG B 67 9.78 -19.76 12.34
C ARG B 67 8.76 -18.71 12.81
N PHE B 68 7.50 -18.83 12.37
CA PHE B 68 6.39 -18.05 12.91
C PHE B 68 5.73 -18.85 14.03
N SER B 69 5.50 -18.20 15.16
CA SER B 69 4.81 -18.83 16.28
C SER B 69 3.83 -17.82 16.86
N GLY B 70 2.57 -18.20 17.02
CA GLY B 70 1.60 -17.37 17.72
C GLY B 70 1.43 -17.83 19.16
N SER B 71 1.22 -16.86 20.06
CA SER B 71 1.08 -17.18 21.47
C SER B 71 0.09 -16.21 22.11
N GLY B 72 -0.21 -16.46 23.39
CA GLY B 72 -1.04 -15.61 24.20
C GLY B 72 -2.39 -16.24 24.48
N SER B 73 -3.18 -15.53 25.28
CA SER B 73 -4.44 -16.06 25.78
C SER B 73 -5.32 -14.91 26.23
N GLY B 74 -6.61 -14.99 25.89
CA GLY B 74 -7.58 -14.11 26.51
C GLY B 74 -7.67 -12.76 25.84
N THR B 75 -6.79 -11.84 26.25
CA THR B 75 -6.77 -10.47 25.74
C THR B 75 -5.41 -10.03 25.19
N ASP B 76 -4.35 -10.82 25.35
CA ASP B 76 -3.00 -10.40 25.02
C ASP B 76 -2.34 -11.51 24.23
N PHE B 77 -1.88 -11.17 23.01
CA PHE B 77 -1.41 -12.14 22.04
C PHE B 77 -0.14 -11.64 21.42
N ALA B 78 0.63 -12.58 20.85
CA ALA B 78 1.88 -12.22 20.20
C ALA B 78 2.15 -13.11 19.00
N LEU B 79 2.79 -12.52 18.00
CA LEU B 79 3.35 -13.24 16.88
C LEU B 79 4.86 -13.05 16.97
N THR B 80 5.58 -14.16 17.06
CA THR B 80 7.04 -14.16 17.14
C THR B 80 7.61 -14.78 15.88
N ILE B 81 8.52 -14.06 15.23
CA ILE B 81 9.22 -14.50 14.04
C ILE B 81 10.66 -14.75 14.45
N SER B 82 11.06 -16.01 14.48
CA SER B 82 12.43 -16.44 14.75
C SER B 82 13.27 -16.42 13.47
N SER B 83 14.56 -16.15 13.62
CA SER B 83 15.49 -16.22 12.50
C SER B 83 14.95 -15.46 11.29
N LEU B 84 14.66 -14.19 11.52
CA LEU B 84 13.98 -13.40 10.51
C LEU B 84 14.71 -13.46 9.17
N GLN B 85 13.95 -13.66 8.10
CA GLN B 85 14.42 -13.76 6.73
C GLN B 85 13.95 -12.54 5.96
N PRO B 86 14.60 -12.22 4.84
CA PRO B 86 14.18 -11.02 4.10
C PRO B 86 12.72 -11.06 3.68
N GLU B 87 12.19 -12.23 3.30
CA GLU B 87 10.80 -12.29 2.89
C GLU B 87 9.84 -12.00 4.04
N ASP B 88 10.32 -11.90 5.28
CA ASP B 88 9.46 -11.65 6.42
C ASP B 88 9.19 -10.17 6.63
N ALA B 89 9.90 -9.28 5.91
CA ALA B 89 9.57 -7.87 5.94
C ALA B 89 8.21 -7.67 5.29
N ALA B 90 7.25 -7.15 6.05
CA ALA B 90 5.85 -7.16 5.67
C ALA B 90 5.09 -6.41 6.75
N VAL B 91 3.78 -6.18 6.51
CA VAL B 91 2.88 -5.67 7.54
C VAL B 91 2.10 -6.87 8.06
N TYR B 92 2.05 -6.99 9.39
CA TYR B 92 1.35 -8.09 10.04
C TYR B 92 0.09 -7.57 10.70
N TYR B 93 -1.00 -8.32 10.58
CA TYR B 93 -2.30 -7.95 11.14
C TYR B 93 -2.87 -9.07 12.00
N CYS B 94 -3.43 -8.71 13.13
CA CYS B 94 -4.25 -9.65 13.87
C CYS B 94 -5.71 -9.41 13.52
N GLN B 95 -6.52 -10.43 13.77
CA GLN B 95 -7.93 -10.41 13.42
C GLN B 95 -8.69 -11.28 14.40
N HIS B 96 -9.74 -10.76 15.02
CA HIS B 96 -10.57 -11.63 15.85
C HIS B 96 -11.75 -12.17 15.06
N TYR B 97 -12.24 -13.34 15.48
CA TYR B 97 -13.48 -13.89 14.98
C TYR B 97 -14.30 -14.41 16.14
N TYR B 98 -14.28 -13.68 17.25
CA TYR B 98 -15.04 -14.04 18.44
C TYR B 98 -16.51 -13.68 18.29
N THR B 99 -16.80 -12.68 17.46
CA THR B 99 -18.16 -12.30 17.10
C THR B 99 -18.33 -12.32 15.59
N THR B 100 -19.58 -12.14 15.16
CA THR B 100 -19.91 -12.09 13.75
C THR B 100 -19.48 -10.77 13.10
N HIS B 101 -18.98 -9.80 13.86
CA HIS B 101 -18.50 -8.53 13.30
C HIS B 101 -16.99 -8.48 13.54
N ARG B 102 -16.27 -9.11 12.64
CA ARG B 102 -14.84 -9.23 12.74
C ARG B 102 -14.13 -7.90 12.48
N THR B 103 -13.03 -7.67 13.21
CA THR B 103 -12.18 -6.53 12.97
C THR B 103 -10.72 -6.96 13.03
N PHE B 104 -9.88 -6.10 12.47
CA PHE B 104 -8.43 -6.27 12.44
C PHE B 104 -7.77 -5.25 13.35
N GLY B 105 -6.55 -5.58 13.79
CA GLY B 105 -5.66 -4.57 14.34
C GLY B 105 -5.15 -3.66 13.24
N GLN B 106 -4.40 -2.62 13.65
CA GLN B 106 -4.04 -1.57 12.69
C GLN B 106 -2.82 -1.92 11.87
N GLY B 107 -2.16 -3.02 12.17
CA GLY B 107 -1.02 -3.50 11.44
C GLY B 107 0.28 -3.09 12.12
N THR B 108 1.28 -3.96 12.01
CA THR B 108 2.63 -3.67 12.48
C THR B 108 3.56 -3.90 11.31
N ARG B 109 4.35 -2.88 10.97
CA ARG B 109 5.24 -2.99 9.82
C ARG B 109 6.61 -3.46 10.31
N VAL B 110 7.09 -4.57 9.76
CA VAL B 110 8.40 -5.13 10.09
C VAL B 110 9.31 -4.82 8.93
N GLU B 111 10.40 -4.10 9.19
CA GLU B 111 11.43 -3.81 8.21
C GLU B 111 12.75 -4.45 8.63
N ILE B 112 13.65 -4.57 7.66
CA ILE B 112 14.99 -5.08 7.91
C ILE B 112 15.87 -3.97 8.46
N ARG B 113 16.56 -4.25 9.55
CA ARG B 113 17.51 -3.30 10.07
C ARG B 113 18.84 -3.43 9.33
N ARG B 114 19.45 -2.30 8.99
CA ARG B 114 20.81 -2.28 8.44
C ARG B 114 21.57 -1.13 9.08
N THR B 115 22.84 -0.96 8.70
CA THR B 115 23.64 0.15 9.21
C THR B 115 23.10 1.48 8.72
N VAL B 116 23.41 2.53 9.48
CA VAL B 116 22.99 3.86 9.07
C VAL B 116 23.61 4.22 7.72
N ALA B 117 22.81 4.81 6.84
CA ALA B 117 23.30 5.26 5.54
C ALA B 117 22.70 6.63 5.24
N ALA B 118 23.55 7.65 5.07
CA ALA B 118 23.10 8.99 4.75
C ALA B 118 22.55 9.04 3.31
N PRO B 119 21.54 9.88 3.07
CA PRO B 119 21.06 10.05 1.70
C PRO B 119 22.06 10.81 0.85
N SER B 120 22.06 10.50 -0.44
CA SER B 120 22.57 11.41 -1.46
C SER B 120 21.42 12.29 -1.89
N VAL B 121 21.68 13.59 -1.99
CA VAL B 121 20.62 14.56 -2.21
C VAL B 121 20.82 15.23 -3.55
N PHE B 122 19.73 15.36 -4.32
CA PHE B 122 19.74 16.03 -5.61
C PHE B 122 18.55 16.97 -5.73
N ILE B 123 18.75 18.10 -6.41
CA ILE B 123 17.64 19.02 -6.64
C ILE B 123 17.52 19.26 -8.14
N PHE B 124 16.27 19.35 -8.61
CA PHE B 124 15.97 19.48 -10.04
C PHE B 124 15.11 20.72 -10.26
N PRO B 125 15.58 21.71 -11.02
CA PRO B 125 14.74 22.86 -11.38
C PRO B 125 13.58 22.43 -12.25
N PRO B 126 12.56 23.27 -12.39
CA PRO B 126 11.50 22.96 -13.35
C PRO B 126 12.08 22.93 -14.75
N SER B 127 11.49 22.11 -15.61
CA SER B 127 11.88 22.09 -17.00
C SER B 127 11.27 23.28 -17.74
N ASP B 128 11.95 23.70 -18.81
CA ASP B 128 11.39 24.74 -19.66
C ASP B 128 10.03 24.33 -20.22
N GLU B 129 9.86 23.05 -20.55
CA GLU B 129 8.57 22.57 -21.05
C GLU B 129 7.46 22.86 -20.05
N GLN B 130 7.67 22.49 -18.79
CA GLN B 130 6.62 22.72 -17.80
C GLN B 130 6.34 24.19 -17.62
N LEU B 131 7.40 25.01 -17.56
CA LEU B 131 7.23 26.44 -17.31
C LEU B 131 6.39 27.09 -18.39
N LYS B 132 6.57 26.66 -19.65
CA LYS B 132 5.73 27.17 -20.74
C LYS B 132 4.25 26.92 -20.47
N SER B 133 3.91 26.00 -19.58
CA SER B 133 2.53 25.66 -19.30
C SER B 133 1.92 26.44 -18.14
N GLY B 134 2.70 27.21 -17.39
CA GLY B 134 2.17 28.03 -16.31
C GLY B 134 2.47 27.54 -14.90
N THR B 135 3.10 26.39 -14.72
CA THR B 135 3.42 25.86 -13.40
C THR B 135 4.90 25.51 -13.32
N ALA B 136 5.42 25.57 -12.09
CA ALA B 136 6.80 25.18 -11.79
C ALA B 136 6.78 24.13 -10.69
N SER B 137 7.30 22.94 -10.98
CA SER B 137 7.56 21.93 -9.96
C SER B 137 9.06 21.80 -9.76
N VAL B 138 9.51 21.93 -8.52
CA VAL B 138 10.90 21.71 -8.12
C VAL B 138 10.97 20.38 -7.36
N VAL B 139 11.92 19.52 -7.73
CA VAL B 139 11.96 18.16 -7.17
C VAL B 139 13.26 18.00 -6.40
N CYS B 140 13.15 17.44 -5.19
CA CYS B 140 14.29 17.07 -4.38
C CYS B 140 14.28 15.56 -4.18
N LEU B 141 15.41 14.91 -4.49
CA LEU B 141 15.59 13.48 -4.32
C LEU B 141 16.56 13.20 -3.18
N LEU B 142 16.11 12.37 -2.24
CA LEU B 142 16.96 11.76 -1.21
C LEU B 142 17.14 10.29 -1.58
N ASN B 143 18.35 9.90 -1.93
CA ASN B 143 18.59 8.57 -2.48
C ASN B 143 19.31 7.63 -1.50
N ASN B 144 18.71 6.46 -1.27
CA ASN B 144 19.34 5.27 -0.66
C ASN B 144 19.86 5.52 0.76
N PHE B 145 18.92 5.84 1.65
CA PHE B 145 19.23 6.15 3.04
C PHE B 145 18.57 5.17 4.02
N TYR B 146 19.12 5.13 5.23
CA TYR B 146 18.61 4.29 6.32
C TYR B 146 19.10 4.86 7.64
N PRO B 147 18.20 5.01 8.64
CA PRO B 147 16.78 4.63 8.74
C PRO B 147 15.82 5.48 7.88
N ARG B 148 14.54 5.07 7.90
CA ARG B 148 13.54 5.67 7.02
C ARG B 148 13.22 7.11 7.38
N GLU B 149 13.46 7.52 8.62
CA GLU B 149 13.03 8.82 9.09
C GLU B 149 13.95 9.90 8.51
N ALA B 150 13.38 10.86 7.77
CA ALA B 150 14.17 11.93 7.16
C ALA B 150 13.29 13.17 7.15
N LYS B 151 13.92 14.35 7.21
CA LYS B 151 13.19 15.61 7.14
C LYS B 151 13.70 16.43 5.96
N VAL B 152 12.79 16.82 5.07
CA VAL B 152 13.11 17.69 3.93
C VAL B 152 12.39 19.01 4.16
N GLN B 153 13.13 20.11 4.12
CA GLN B 153 12.54 21.44 4.23
C GLN B 153 12.85 22.21 2.96
N TRP B 154 11.84 22.88 2.41
CA TRP B 154 12.04 23.72 1.24
C TRP B 154 12.25 25.16 1.67
N LYS B 155 13.20 25.82 1.02
CA LYS B 155 13.53 27.19 1.34
C LYS B 155 13.57 27.99 0.04
N VAL B 156 12.88 29.12 0.02
CA VAL B 156 12.82 29.96 -1.17
C VAL B 156 13.34 31.31 -0.76
N ASP B 157 14.47 31.71 -1.35
CA ASP B 157 15.17 32.92 -0.89
C ASP B 157 15.36 32.87 0.62
N ASN B 158 15.65 31.66 1.11
CA ASN B 158 15.98 31.32 2.47
C ASN B 158 14.76 31.24 3.36
N ALA B 159 13.56 31.47 2.82
CA ALA B 159 12.34 31.48 3.61
C ALA B 159 11.77 30.08 3.65
N LEU B 160 11.58 29.55 4.86
CA LEU B 160 11.03 28.21 5.01
C LEU B 160 9.61 28.14 4.49
N GLN B 161 9.35 27.15 3.65
CA GLN B 161 8.05 26.92 3.03
C GLN B 161 7.20 25.93 3.81
N SER B 162 5.89 26.10 3.72
CA SER B 162 4.96 25.16 4.31
C SER B 162 3.71 25.08 3.43
N GLY B 163 3.21 23.87 3.26
CA GLY B 163 1.92 23.70 2.63
C GLY B 163 1.92 23.61 1.13
N ASN B 164 3.07 23.75 0.47
CA ASN B 164 3.14 23.76 -0.98
C ASN B 164 4.06 22.67 -1.51
N SER B 165 4.26 21.61 -0.74
CA SER B 165 5.05 20.48 -1.20
C SER B 165 4.36 19.19 -0.80
N GLN B 166 4.73 18.13 -1.51
CA GLN B 166 4.25 16.80 -1.22
C GLN B 166 5.42 15.86 -1.38
N GLU B 167 5.41 14.76 -0.63
CA GLU B 167 6.51 13.81 -0.73
C GLU B 167 5.99 12.39 -0.71
N SER B 168 6.84 11.46 -1.14
CA SER B 168 6.56 10.05 -0.96
C SER B 168 7.88 9.28 -0.90
N VAL B 169 7.75 8.05 -0.44
CA VAL B 169 8.89 7.24 -0.03
C VAL B 169 8.73 5.86 -0.64
N THR B 170 9.81 5.32 -1.16
CA THR B 170 9.78 3.98 -1.72
C THR B 170 9.64 2.92 -0.62
N GLU B 171 9.24 1.73 -1.05
CA GLU B 171 9.40 0.55 -0.22
C GLU B 171 10.88 0.30 0.03
N GLN B 172 11.16 -0.40 1.11
CA GLN B 172 12.54 -0.76 1.44
C GLN B 172 13.15 -1.58 0.30
N ASP B 173 14.37 -1.23 -0.10
CA ASP B 173 14.99 -1.85 -1.26
C ASP B 173 15.39 -3.29 -0.95
N SER B 174 15.10 -4.20 -1.88
CA SER B 174 15.39 -5.60 -1.60
C SER B 174 16.89 -5.88 -1.62
N LYS B 175 17.68 -5.05 -2.29
CA LYS B 175 19.11 -5.29 -2.44
C LYS B 175 19.91 -4.77 -1.26
N ASP B 176 19.68 -3.52 -0.87
CA ASP B 176 20.52 -2.88 0.15
C ASP B 176 19.73 -2.38 1.34
N SER B 177 18.42 -2.62 1.40
CA SER B 177 17.61 -2.34 2.59
C SER B 177 17.50 -0.85 2.87
N THR B 178 17.74 -0.01 1.88
CA THR B 178 17.56 1.43 2.02
C THR B 178 16.19 1.89 1.52
N TYR B 179 15.93 3.17 1.80
CA TYR B 179 14.77 3.92 1.34
C TYR B 179 15.22 5.08 0.48
N SER B 180 14.31 5.57 -0.37
CA SER B 180 14.52 6.81 -1.10
C SER B 180 13.25 7.63 -0.99
N LEU B 181 13.40 8.94 -1.17
CA LEU B 181 12.33 9.88 -0.92
C LEU B 181 12.37 10.95 -1.99
N SER B 182 11.20 11.31 -2.49
CA SER B 182 11.01 12.35 -3.47
C SER B 182 10.09 13.39 -2.89
N SER B 183 10.46 14.66 -3.03
CA SER B 183 9.62 15.76 -2.59
C SER B 183 9.49 16.75 -3.74
N THR B 184 8.29 17.29 -3.92
CA THR B 184 8.01 18.23 -5.01
C THR B 184 7.45 19.50 -4.40
N LEU B 185 8.12 20.61 -4.66
CA LEU B 185 7.57 21.93 -4.39
C LEU B 185 6.88 22.45 -5.65
N THR B 186 5.62 22.89 -5.53
CA THR B 186 4.87 23.36 -6.69
C THR B 186 4.45 24.80 -6.48
N LEU B 187 4.81 25.65 -7.45
CA LEU B 187 4.40 27.05 -7.44
C LEU B 187 3.85 27.39 -8.80
N SER B 188 3.08 28.48 -8.87
CA SER B 188 2.75 29.03 -10.18
C SER B 188 4.01 29.59 -10.82
N LYS B 189 4.02 29.60 -12.15
CA LYS B 189 5.11 30.24 -12.88
C LYS B 189 5.35 31.65 -12.36
N ALA B 190 4.28 32.41 -12.11
CA ALA B 190 4.42 33.78 -11.63
C ALA B 190 5.12 33.84 -10.28
N ASP B 191 4.68 33.02 -9.32
CA ASP B 191 5.34 32.96 -8.03
C ASP B 191 6.78 32.51 -8.17
N TYR B 192 7.02 31.47 -8.97
CA TYR B 192 8.37 31.00 -9.23
C TYR B 192 9.29 32.13 -9.68
N GLU B 193 8.82 32.99 -10.58
CA GLU B 193 9.65 34.05 -11.12
C GLU B 193 9.82 35.22 -10.17
N LYS B 194 9.23 35.18 -8.98
CA LYS B 194 9.39 36.25 -8.00
C LYS B 194 10.57 36.03 -7.07
N HIS B 195 11.28 34.91 -7.20
CA HIS B 195 12.33 34.53 -6.26
C HIS B 195 13.52 33.99 -7.02
N LYS B 196 14.67 33.92 -6.34
CA LYS B 196 15.92 33.54 -6.98
C LYS B 196 16.46 32.19 -6.53
N VAL B 197 16.59 31.97 -5.24
CA VAL B 197 17.27 30.79 -4.71
C VAL B 197 16.24 29.76 -4.27
N TYR B 198 16.38 28.55 -4.78
CA TYR B 198 15.53 27.43 -4.42
C TYR B 198 16.40 26.35 -3.80
N ALA B 199 16.04 25.90 -2.59
CA ALA B 199 16.88 24.99 -1.85
C ALA B 199 16.05 23.92 -1.16
N CYS B 200 16.56 22.69 -1.09
CA CYS B 200 15.98 21.70 -0.18
C CYS B 200 17.04 21.34 0.84
N GLU B 201 16.66 21.41 2.12
CA GLU B 201 17.54 21.12 3.23
C GLU B 201 17.12 19.81 3.87
N VAL B 202 18.07 18.88 3.99
CA VAL B 202 17.79 17.52 4.42
C VAL B 202 18.44 17.26 5.78
N THR B 203 17.65 16.71 6.70
CA THR B 203 18.09 16.31 8.02
C THR B 203 17.93 14.79 8.14
N HIS B 204 18.99 14.12 8.57
CA HIS B 204 18.94 12.67 8.65
C HIS B 204 20.01 12.18 9.62
N GLN B 205 19.70 11.09 10.33
CA GLN B 205 20.60 10.53 11.32
C GLN B 205 22.02 10.31 10.80
N GLY B 206 22.17 10.05 9.51
CA GLY B 206 23.49 9.80 8.95
C GLY B 206 24.25 11.04 8.54
N LEU B 207 23.66 12.21 8.66
CA LEU B 207 24.32 13.47 8.35
C LEU B 207 24.67 14.16 9.67
N SER B 208 25.95 14.51 9.84
CA SER B 208 26.36 15.19 11.06
C SER B 208 25.74 16.57 11.17
N SER B 209 25.36 17.19 10.05
CA SER B 209 24.60 18.42 10.04
C SER B 209 23.78 18.45 8.76
N PRO B 210 22.73 19.26 8.70
CA PRO B 210 21.82 19.19 7.53
C PRO B 210 22.53 19.51 6.23
N VAL B 211 22.06 18.89 5.15
CA VAL B 211 22.64 19.05 3.82
C VAL B 211 21.67 19.88 2.99
N THR B 212 22.20 20.87 2.30
CA THR B 212 21.38 21.75 1.46
C THR B 212 21.85 21.62 0.01
N LYS B 213 20.90 21.37 -0.89
CA LYS B 213 21.11 21.49 -2.32
C LYS B 213 20.25 22.63 -2.83
N SER B 214 20.82 23.46 -3.71
CA SER B 214 20.11 24.64 -4.18
C SER B 214 20.56 24.99 -5.59
N PHE B 215 19.76 25.86 -6.21
CA PHE B 215 20.09 26.47 -7.49
C PHE B 215 19.47 27.86 -7.52
N ASN B 216 20.02 28.70 -8.39
CA ASN B 216 19.48 30.02 -8.68
C ASN B 216 18.67 29.96 -9.96
N ARG B 217 17.41 30.40 -9.89
CA ARG B 217 16.55 30.43 -11.08
C ARG B 217 17.27 31.11 -12.22
N GLY B 218 17.60 30.38 -13.28
CA GLY B 218 18.52 30.90 -14.30
C GLY B 218 19.81 30.09 -14.43
C ACE C 1 -25.42 -27.23 14.77
O ACE C 1 -24.93 -26.47 15.63
CH3 ACE C 1 -26.84 -27.79 14.90
N TRP C 2 -24.76 -27.60 13.66
CA TRP C 2 -23.40 -27.19 13.37
C TRP C 2 -23.20 -27.06 11.86
N GLY C 3 -22.71 -25.92 11.43
CA GLY C 3 -22.43 -25.68 10.02
C GLY C 3 -20.95 -25.37 9.81
N SER C 4 -20.46 -25.69 8.60
CA SER C 4 -19.07 -25.46 8.25
C SER C 4 -19.03 -24.72 6.92
N SER C 5 -18.22 -23.70 6.89
CA SER C 5 -17.83 -23.07 5.64
C SER C 5 -16.37 -23.48 5.42
N GLY C 6 -16.14 -24.32 4.41
CA GLY C 6 -14.83 -24.94 4.25
C GLY C 6 -14.65 -26.02 5.29
N LYS C 7 -13.43 -26.14 5.84
CA LYS C 7 -13.21 -27.10 6.93
C LYS C 7 -12.07 -26.76 7.90
N LEU C 8 -11.22 -25.79 7.55
CA LEU C 8 -10.05 -25.47 8.36
C LEU C 8 -10.44 -25.17 9.82
N ILE C 9 -11.38 -24.24 10.01
CA ILE C 9 -11.81 -23.79 11.33
C ILE C 9 -12.77 -24.80 11.96
N SER C 10 -13.72 -25.34 11.17
CA SER C 10 -14.73 -26.24 11.73
C SER C 10 -14.09 -27.48 12.30
N THR C 11 -13.14 -28.08 11.58
CA THR C 11 -12.57 -29.33 12.04
C THR C 11 -11.61 -29.15 13.21
N THR C 12 -11.20 -27.93 13.54
CA THR C 12 -10.30 -27.67 14.65
C THR C 12 -10.95 -26.87 15.77
N ALA C 13 -12.26 -26.59 15.68
CA ALA C 13 -12.92 -25.81 16.72
C ALA C 13 -13.24 -26.61 17.97
N VAL C 14 -13.22 -27.94 17.89
CA VAL C 14 -13.56 -28.77 19.03
C VAL C 14 -12.41 -29.77 19.16
N PRO C 15 -11.91 -30.03 20.38
CA PRO C 15 -10.87 -31.05 20.56
C PRO C 15 -11.20 -32.37 19.90
N TRP C 16 -12.32 -32.96 20.28
CA TRP C 16 -12.77 -34.23 19.69
C TRP C 16 -12.90 -34.18 18.16
C1 GOL D . 6.53 13.59 -4.78
O1 GOL D . 7.76 14.02 -5.34
C2 GOL D . 5.86 12.46 -5.61
O2 GOL D . 5.22 13.05 -6.73
C3 GOL D . 6.85 11.41 -6.11
O3 GOL D . 6.10 10.41 -6.81
H11 GOL D . 6.71 13.24 -3.76
H12 GOL D . 5.84 14.44 -4.72
HO1 GOL D . 8.11 14.78 -4.83
H2 GOL D . 5.12 11.98 -4.99
HO2 GOL D . 5.90 13.46 -7.32
H31 GOL D . 7.58 11.87 -6.77
H32 GOL D . 7.36 10.96 -5.26
HO3 GOL D . 5.45 10.00 -6.20
C ACT E . 12.78 0.61 -4.76
O ACT E . 13.95 0.34 -4.32
OXT ACT E . 12.64 1.46 -5.70
CH3 ACT E . 11.61 -0.07 -4.13
H1 ACT E . 10.69 0.26 -4.60
H2 ACT E . 11.58 0.16 -3.07
H3 ACT E . 11.71 -1.15 -4.26
C1 GOL F . 7.20 -16.10 4.77
O1 GOL F . 7.48 -14.79 5.22
C2 GOL F . 5.90 -16.64 5.40
O2 GOL F . 4.85 -16.54 4.46
C3 GOL F . 6.18 -18.09 5.84
O3 GOL F . 5.34 -18.99 5.24
H11 GOL F . 7.10 -16.11 3.69
H12 GOL F . 8.03 -16.76 5.04
HO1 GOL F . 8.34 -14.50 4.85
H2 GOL F . 5.66 -16.05 6.29
HO2 GOL F . 5.08 -17.06 3.66
H31 GOL F . 7.21 -18.34 5.60
H32 GOL F . 6.07 -18.16 6.92
#